data_8A4A
#
_entry.id   8A4A
#
_cell.length_a   58.290
_cell.length_b   108.795
_cell.length_c   172.027
_cell.angle_alpha   90.000
_cell.angle_beta   90.000
_cell.angle_gamma   90.000
#
_symmetry.space_group_name_H-M   'I 2 2 2'
#
loop_
_entity.id
_entity.type
_entity.pdbx_description
1 polymer 'Rab15 effector protein'
2 polymer 'Ras-related protein Rab-3C'
3 non-polymer 'PHOSPHOAMINOPHOSPHONIC ACID-GUANYLATE ESTER'
4 non-polymer 'MAGNESIUM ION'
5 water water
#
loop_
_entity_poly.entity_id
_entity_poly.type
_entity_poly.pdbx_seq_one_letter_code
_entity_poly.pdbx_strand_id
1 'polypeptide(L)'
;GHMGQKASQQLALKDSKEVPVVCEVVSEAIVHAAQKLKEYLGFEYPPSKLCPAANTLNEIFLIHFITFCQEKGVDEWLTT
TKMTKHQAFLFGADWIWTFWGSDKQIKLQLAVQTLQMSSPPPVESKPCDLSNPESRVEESSWKKSRFDKLEEFCNLIGED
CLGLFIIFGMPGKPKDIRGVVLDSVKSQMVRSHLPGGKAVAQFVLETEDCVFIKELLRNCLSKKDGLREVGKVYISIL
;
A
2 'polypeptide(L)'
;MAHHHHHHSSGASAQDARYGQKDSSDQNFDYMFKLLIIGNSSVGKTSFLFRYADDSFTSAFVSTVGIDFKVKTVFKNEKR
IKLQIWDTAGQERYRTITTAYYRGAMGFILMYDITNEESFNAVQDWSTQIKTYSWDNAQVILVGNKCDMEDERVISTERG
QHLGEQLGFEFFETSAKDNINVKQTFERLVDIICDKMSESLETDPAITAAKQNTRLKETPPPPHPNCGC
;
B
#
# COMPACT_ATOMS: atom_id res chain seq x y z
N LYS A 17 -12.08 27.30 0.92
CA LYS A 17 -11.31 26.39 0.07
C LYS A 17 -9.85 26.82 0.01
N GLU A 18 -9.03 26.18 0.85
CA GLU A 18 -7.61 26.52 0.94
C GLU A 18 -6.76 25.65 0.01
N VAL A 19 -7.15 25.57 -1.26
CA VAL A 19 -6.30 24.89 -2.25
C VAL A 19 -4.97 25.60 -2.44
N PRO A 20 -4.90 26.94 -2.63
CA PRO A 20 -3.59 27.57 -2.89
C PRO A 20 -2.57 27.35 -1.79
N VAL A 21 -2.98 27.37 -0.52
CA VAL A 21 -1.99 27.28 0.56
C VAL A 21 -1.33 25.91 0.57
N VAL A 22 -2.11 24.84 0.49
CA VAL A 22 -1.51 23.50 0.50
C VAL A 22 -0.74 23.26 -0.78
N CYS A 23 -1.25 23.75 -1.91
CA CYS A 23 -0.49 23.62 -3.16
C CYS A 23 0.89 24.26 -3.02
N GLU A 24 0.92 25.50 -2.55
CA GLU A 24 2.17 26.22 -2.40
C GLU A 24 3.10 25.49 -1.43
N VAL A 25 2.57 25.11 -0.27
CA VAL A 25 3.41 24.50 0.75
C VAL A 25 3.99 23.17 0.27
N VAL A 26 3.17 22.36 -0.40
CA VAL A 26 3.66 21.06 -0.85
C VAL A 26 4.71 21.23 -1.95
N SER A 27 4.48 22.14 -2.89
CA SER A 27 5.48 22.35 -3.93
C SER A 27 6.79 22.88 -3.35
N GLU A 28 6.72 23.83 -2.41
CA GLU A 28 7.93 24.32 -1.77
C GLU A 28 8.61 23.23 -0.93
N ALA A 29 7.82 22.37 -0.30
CA ALA A 29 8.40 21.25 0.46
C ALA A 29 9.15 20.30 -0.47
N ILE A 30 8.60 20.04 -1.65
CA ILE A 30 9.29 19.19 -2.62
C ILE A 30 10.60 19.84 -3.04
N VAL A 31 10.56 21.14 -3.35
CA VAL A 31 11.78 21.82 -3.76
C VAL A 31 12.83 21.80 -2.65
N HIS A 32 12.38 22.07 -1.41
CA HIS A 32 13.28 22.07 -0.26
C HIS A 32 13.92 20.70 -0.04
N ALA A 33 13.09 19.66 -0.06
CA ALA A 33 13.62 18.31 0.13
C ALA A 33 14.61 17.94 -0.97
N ALA A 34 14.32 18.34 -2.21
CA ALA A 34 15.26 18.08 -3.30
C ALA A 34 16.59 18.79 -3.06
N GLN A 35 16.53 20.04 -2.59
CA GLN A 35 17.76 20.77 -2.30
C GLN A 35 18.56 20.07 -1.21
N LYS A 36 17.88 19.60 -0.16
CA LYS A 36 18.58 18.87 0.90
C LYS A 36 19.15 17.56 0.38
N LEU A 37 18.44 16.89 -0.53
CA LEU A 37 18.88 15.60 -1.05
C LEU A 37 20.11 15.74 -1.93
N LYS A 38 20.25 16.88 -2.62
CA LYS A 38 21.33 17.02 -3.59
C LYS A 38 22.71 16.77 -2.98
N GLU A 39 22.86 17.03 -1.67
CA GLU A 39 24.14 16.78 -1.00
C GLU A 39 24.56 15.32 -1.09
N TYR A 40 23.61 14.39 -1.07
CA TYR A 40 23.92 12.97 -1.05
C TYR A 40 23.99 12.35 -2.44
N LEU A 41 23.46 13.02 -3.46
CA LEU A 41 23.50 12.47 -4.82
C LEU A 41 24.92 12.55 -5.37
N GLY A 42 25.30 11.53 -6.14
CA GLY A 42 26.61 11.47 -6.73
C GLY A 42 27.70 10.92 -5.85
N PHE A 43 27.37 10.46 -4.64
CA PHE A 43 28.38 9.90 -3.76
C PHE A 43 28.81 8.52 -4.25
N GLU A 44 30.11 8.27 -4.22
N GLU A 44 30.12 8.32 -4.36
CA GLU A 44 30.68 6.96 -4.53
CA GLU A 44 30.70 7.07 -4.83
C GLU A 44 31.39 6.45 -3.28
C GLU A 44 32.00 6.85 -4.10
N TYR A 45 31.00 5.27 -2.79
N TYR A 45 32.11 5.74 -3.36
CA TYR A 45 31.78 4.62 -1.75
CA TYR A 45 33.32 5.39 -2.65
C TYR A 45 33.12 4.22 -2.35
C TYR A 45 33.89 4.12 -3.27
N PRO A 46 34.24 4.69 -1.81
N PRO A 46 34.86 4.22 -4.18
CA PRO A 46 35.55 4.45 -2.47
CA PRO A 46 35.38 3.03 -4.88
C PRO A 46 35.80 2.98 -2.77
C PRO A 46 35.92 1.97 -3.94
N PRO A 47 35.35 1.97 -1.87
N PRO A 47 36.63 2.33 -2.84
CA PRO A 47 35.51 0.55 -2.20
CA PRO A 47 37.20 1.26 -2.00
C PRO A 47 34.53 0.01 -3.24
C PRO A 47 36.18 0.39 -1.26
N SER A 48 34.34 0.79 -4.32
N SER A 48 34.93 0.83 -1.06
CA SER A 48 33.57 0.42 -5.51
CA SER A 48 33.93 -0.08 -0.50
C SER A 48 32.22 -0.22 -5.20
C SER A 48 32.70 -0.24 -1.38
N LYS A 49 31.71 0.05 -4.00
N LYS A 49 31.99 0.84 -1.67
CA LYS A 49 30.30 -0.18 -3.69
CA LYS A 49 30.62 0.76 -2.21
C LYS A 49 29.56 1.15 -3.86
C LYS A 49 30.32 2.05 -2.96
N LEU A 50 29.67 1.68 -5.08
N LEU A 50 29.76 1.90 -4.16
CA LEU A 50 29.64 3.13 -5.29
CA LEU A 50 29.70 2.98 -5.14
C LEU A 50 28.24 3.74 -5.29
C LEU A 50 28.34 3.69 -5.21
N CYS A 51 27.42 3.44 -4.27
CA CYS A 51 26.11 4.08 -4.25
C CYS A 51 25.49 4.10 -2.87
N PRO A 52 24.86 5.19 -2.46
CA PRO A 52 23.88 5.12 -1.37
C PRO A 52 22.67 4.32 -1.81
N ALA A 53 22.05 3.62 -0.86
CA ALA A 53 20.89 2.81 -1.17
C ALA A 53 19.72 3.68 -1.60
N ALA A 54 18.88 3.13 -2.47
CA ALA A 54 17.69 3.86 -2.92
C ALA A 54 16.78 4.17 -1.74
N ASN A 55 16.64 3.23 -0.81
CA ASN A 55 15.84 3.49 0.37
C ASN A 55 16.39 4.66 1.17
N THR A 56 17.72 4.77 1.26
CA THR A 56 18.34 5.86 2.01
C THR A 56 17.99 7.21 1.38
N LEU A 57 18.09 7.31 0.04
CA LEU A 57 17.75 8.55 -0.64
C LEU A 57 16.28 8.88 -0.43
N ASN A 58 15.41 7.89 -0.59
CA ASN A 58 13.99 8.10 -0.38
C ASN A 58 13.71 8.60 1.03
N GLU A 59 14.35 8.00 2.03
CA GLU A 59 14.09 8.38 3.41
C GLU A 59 14.58 9.79 3.70
N ILE A 60 15.75 10.16 3.18
CA ILE A 60 16.23 11.53 3.39
C ILE A 60 15.24 12.53 2.80
N PHE A 61 14.82 12.28 1.55
CA PHE A 61 13.86 13.17 0.90
C PHE A 61 12.58 13.27 1.71
N LEU A 62 12.03 12.12 2.12
CA LEU A 62 10.76 12.13 2.83
C LEU A 62 10.87 12.82 4.18
N ILE A 63 12.00 12.65 4.88
CA ILE A 63 12.16 13.30 6.17
C ILE A 63 12.15 14.82 6.02
N HIS A 64 12.94 15.33 5.06
CA HIS A 64 12.96 16.78 4.88
C HIS A 64 11.60 17.31 4.43
N PHE A 65 10.94 16.59 3.51
CA PHE A 65 9.60 16.98 3.07
C PHE A 65 8.62 17.04 4.23
N ILE A 66 8.55 15.97 5.01
CA ILE A 66 7.56 15.88 6.08
C ILE A 66 7.82 16.94 7.13
N THR A 67 9.09 17.18 7.47
CA THR A 67 9.38 18.22 8.45
C THR A 67 8.97 19.60 7.95
N PHE A 68 9.25 19.89 6.67
CA PHE A 68 8.82 21.17 6.11
C PHE A 68 7.31 21.34 6.23
N CYS A 69 6.55 20.30 5.83
CA CYS A 69 5.09 20.39 5.91
C CYS A 69 4.62 20.55 7.36
N GLN A 70 5.23 19.83 8.30
CA GLN A 70 4.85 19.95 9.69
C GLN A 70 5.07 21.38 10.20
N GLU A 71 6.23 21.95 9.90
CA GLU A 71 6.49 23.33 10.30
C GLU A 71 5.52 24.30 9.66
N LYS A 72 4.98 23.98 8.49
CA LYS A 72 3.98 24.84 7.86
C LYS A 72 2.55 24.45 8.20
N GLY A 73 2.34 23.44 9.03
CA GLY A 73 1.01 23.10 9.53
C GLY A 73 -0.02 22.69 8.51
N VAL A 74 0.33 21.77 7.61
CA VAL A 74 -0.60 21.27 6.60
C VAL A 74 -0.94 19.79 6.81
N ASP A 75 -0.63 19.24 7.99
CA ASP A 75 -0.81 17.81 8.23
C ASP A 75 -2.27 17.37 8.15
N GLU A 76 -3.23 18.29 8.34
CA GLU A 76 -4.64 17.96 8.21
C GLU A 76 -5.07 17.76 6.76
N TRP A 77 -4.31 18.29 5.78
CA TRP A 77 -4.71 18.15 4.38
C TRP A 77 -3.82 17.23 3.56
N LEU A 78 -2.65 16.84 4.07
CA LEU A 78 -1.73 15.98 3.33
C LEU A 78 -1.22 14.90 4.27
N THR A 79 -1.29 13.64 3.81
CA THR A 79 -0.68 12.53 4.52
C THR A 79 0.33 11.86 3.60
N THR A 80 1.53 11.59 4.13
CA THR A 80 2.55 10.85 3.40
C THR A 80 2.61 9.43 3.94
N THR A 81 2.47 8.46 3.06
CA THR A 81 2.55 7.05 3.43
C THR A 81 3.76 6.43 2.73
N LYS A 82 4.76 6.05 3.50
CA LYS A 82 5.90 5.32 2.97
C LYS A 82 5.52 3.85 2.82
N MET A 83 5.72 3.32 1.63
CA MET A 83 5.40 1.92 1.39
C MET A 83 6.39 1.05 2.15
N THR A 84 5.88 -0.04 2.72
CA THR A 84 6.76 -1.09 3.20
C THR A 84 7.48 -1.73 2.02
N LYS A 85 8.46 -2.59 2.35
CA LYS A 85 9.17 -3.33 1.31
C LYS A 85 8.20 -4.15 0.46
N HIS A 86 7.31 -4.88 1.13
CA HIS A 86 6.32 -5.67 0.41
C HIS A 86 5.42 -4.79 -0.44
N GLN A 87 4.99 -3.65 0.10
CA GLN A 87 4.12 -2.75 -0.65
C GLN A 87 4.86 -2.13 -1.83
N ALA A 88 6.11 -1.72 -1.62
CA ALA A 88 6.88 -1.16 -2.73
C ALA A 88 7.02 -2.17 -3.85
N PHE A 89 7.26 -3.44 -3.50
CA PHE A 89 7.32 -4.48 -4.52
C PHE A 89 5.98 -4.63 -5.25
N LEU A 90 4.89 -4.78 -4.49
CA LEU A 90 3.60 -5.09 -5.10
C LEU A 90 3.08 -3.94 -5.95
N PHE A 91 3.24 -2.71 -5.48
CA PHE A 91 2.59 -1.55 -6.09
C PHE A 91 3.47 -0.82 -7.08
N GLY A 92 4.78 -1.07 -7.07
CA GLY A 92 5.66 -0.24 -7.87
C GLY A 92 5.73 1.20 -7.45
N ALA A 93 5.37 1.50 -6.20
CA ALA A 93 5.40 2.86 -5.68
C ALA A 93 6.24 2.89 -4.42
N ASP A 94 7.00 3.95 -4.23
CA ASP A 94 7.79 4.08 -3.03
C ASP A 94 7.11 4.91 -1.96
N TRP A 95 6.30 5.89 -2.34
CA TRP A 95 5.42 6.47 -1.33
C TRP A 95 4.17 6.99 -2.00
N ILE A 96 3.21 7.41 -1.18
CA ILE A 96 1.93 7.93 -1.66
C ILE A 96 1.60 9.19 -0.88
N TRP A 97 1.23 10.24 -1.61
CA TRP A 97 0.74 11.48 -1.01
C TRP A 97 -0.77 11.54 -1.16
N THR A 98 -1.48 11.64 -0.05
CA THR A 98 -2.94 11.74 -0.06
C THR A 98 -3.36 13.15 0.33
N PHE A 99 -4.15 13.78 -0.53
CA PHE A 99 -4.67 15.12 -0.32
C PHE A 99 -6.11 15.03 0.16
N TRP A 100 -6.44 15.74 1.23
CA TRP A 100 -7.77 15.73 1.81
C TRP A 100 -8.44 17.08 1.58
N GLY A 101 -9.74 17.04 1.26
CA GLY A 101 -10.53 18.25 1.20
C GLY A 101 -11.11 18.63 2.56
N SER A 102 -11.70 19.83 2.61
CA SER A 102 -12.30 20.32 3.85
C SER A 102 -13.41 19.39 4.34
N ASP A 103 -14.06 18.68 3.42
CA ASP A 103 -15.06 17.67 3.77
C ASP A 103 -14.45 16.36 4.24
N LYS A 104 -13.13 16.34 4.48
CA LYS A 104 -12.41 15.16 4.98
C LYS A 104 -12.59 13.96 4.05
N GLN A 105 -12.65 14.23 2.75
CA GLN A 105 -12.62 13.20 1.72
C GLN A 105 -11.35 13.33 0.90
N ILE A 106 -10.96 12.24 0.25
CA ILE A 106 -9.73 12.22 -0.52
C ILE A 106 -9.99 12.88 -1.87
N LYS A 107 -9.21 13.91 -2.20
CA LYS A 107 -9.32 14.58 -3.48
C LYS A 107 -8.33 14.05 -4.50
N LEU A 108 -7.14 13.62 -4.06
CA LEU A 108 -6.07 13.27 -4.99
C LEU A 108 -5.06 12.40 -4.27
N GLN A 109 -4.55 11.40 -4.97
CA GLN A 109 -3.43 10.60 -4.47
C GLN A 109 -2.35 10.59 -5.53
N LEU A 110 -1.10 10.83 -5.10
CA LEU A 110 0.06 10.74 -5.97
C LEU A 110 0.88 9.54 -5.53
N ALA A 111 0.93 8.51 -6.37
CA ALA A 111 1.77 7.35 -6.14
C ALA A 111 3.12 7.60 -6.80
N VAL A 112 4.17 7.68 -5.99
CA VAL A 112 5.47 8.16 -6.41
C VAL A 112 6.47 7.02 -6.41
N GLN A 113 7.15 6.86 -7.55
CA GLN A 113 8.25 5.91 -7.73
C GLN A 113 9.51 6.69 -8.09
N THR A 114 10.62 6.38 -7.43
CA THR A 114 11.89 7.07 -7.67
C THR A 114 12.84 6.21 -8.49
N LEU A 115 13.62 6.88 -9.34
CA LEU A 115 14.62 6.26 -10.20
C LEU A 115 15.96 6.95 -10.00
N GLN A 116 17.05 6.27 -10.38
CA GLN A 116 18.40 6.82 -10.21
C GLN A 116 18.99 7.38 -11.51
N MET A 117 19.15 6.53 -12.53
CA MET A 117 19.71 6.92 -13.83
C MET A 117 21.12 7.52 -13.73
N SER A 118 21.88 7.16 -12.70
CA SER A 118 23.29 7.54 -12.58
C SER A 118 23.58 9.01 -12.88
N PRO A 133 13.75 -10.20 -4.90
CA PRO A 133 13.23 -8.88 -4.51
C PRO A 133 12.01 -8.98 -3.58
N GLU A 134 11.22 -10.03 -3.72
CA GLU A 134 10.04 -10.25 -2.86
C GLU A 134 10.35 -11.20 -1.72
N SER A 135 10.91 -12.37 -2.02
CA SER A 135 11.56 -13.30 -1.08
C SER A 135 10.59 -14.02 -0.15
N ARG A 136 9.34 -13.59 -0.08
CA ARG A 136 8.36 -14.18 0.82
C ARG A 136 7.14 -14.66 0.04
N VAL A 137 7.34 -14.94 -1.25
CA VAL A 137 6.27 -15.32 -2.16
C VAL A 137 6.73 -16.54 -2.94
N GLU A 138 5.88 -17.54 -3.05
CA GLU A 138 6.17 -18.67 -3.92
C GLU A 138 5.80 -18.33 -5.36
N GLU A 139 6.11 -19.25 -6.28
CA GLU A 139 6.09 -18.93 -7.71
C GLU A 139 4.73 -18.40 -8.18
N SER A 140 4.71 -17.12 -8.56
CA SER A 140 3.54 -16.49 -9.14
C SER A 140 3.97 -15.71 -10.39
N SER A 141 3.04 -15.01 -11.02
CA SER A 141 3.36 -14.16 -12.17
C SER A 141 3.70 -12.74 -11.74
N TRP A 142 4.63 -12.59 -10.79
CA TRP A 142 5.09 -11.27 -10.34
C TRP A 142 6.44 -10.90 -10.92
N LYS A 143 6.72 -11.33 -12.16
CA LYS A 143 7.88 -10.87 -12.90
C LYS A 143 7.58 -9.61 -13.71
N LYS A 144 6.58 -8.85 -13.29
CA LYS A 144 6.19 -7.61 -13.95
C LYS A 144 7.11 -6.48 -13.51
N SER A 145 7.34 -5.54 -14.41
CA SER A 145 8.27 -4.45 -14.10
C SER A 145 7.63 -3.44 -13.15
N ARG A 146 8.49 -2.62 -12.53
CA ARG A 146 8.00 -1.58 -11.62
C ARG A 146 7.02 -0.65 -12.33
N PHE A 147 7.34 -0.25 -13.56
CA PHE A 147 6.48 0.64 -14.31
C PHE A 147 5.07 0.06 -14.44
N ASP A 148 4.97 -1.20 -14.87
CA ASP A 148 3.66 -1.79 -15.10
C ASP A 148 2.91 -2.01 -13.80
N LYS A 149 3.62 -2.35 -12.72
CA LYS A 149 2.97 -2.49 -11.43
C LYS A 149 2.41 -1.15 -10.93
N LEU A 150 3.16 -0.06 -11.13
CA LEU A 150 2.61 1.25 -10.80
C LEU A 150 1.38 1.57 -11.65
N GLU A 151 1.44 1.24 -12.94
CA GLU A 151 0.28 1.47 -13.80
C GLU A 151 -0.93 0.70 -13.29
N GLU A 152 -0.74 -0.57 -12.96
CA GLU A 152 -1.85 -1.39 -12.46
C GLU A 152 -2.37 -0.87 -11.13
N PHE A 153 -1.47 -0.44 -10.24
CA PHE A 153 -1.89 0.12 -8.96
C PHE A 153 -2.76 1.35 -9.17
N CYS A 154 -2.33 2.27 -10.02
CA CYS A 154 -3.12 3.47 -10.27
C CYS A 154 -4.45 3.13 -10.93
N ASN A 155 -4.46 2.12 -11.81
CA ASN A 155 -5.71 1.67 -12.40
C ASN A 155 -6.67 1.16 -11.32
N LEU A 156 -6.15 0.37 -10.39
CA LEU A 156 -7.00 -0.23 -9.36
C LEU A 156 -7.52 0.80 -8.37
N ILE A 157 -6.72 1.83 -8.06
CA ILE A 157 -7.17 2.84 -7.12
C ILE A 157 -8.26 3.72 -7.74
N GLY A 158 -8.08 4.15 -8.99
CA GLY A 158 -9.13 4.84 -9.69
C GLY A 158 -8.65 6.11 -10.36
N GLU A 159 -9.61 6.97 -10.69
CA GLU A 159 -9.35 8.12 -11.57
C GLU A 159 -8.57 9.23 -10.87
N ASP A 160 -8.70 9.35 -9.54
CA ASP A 160 -8.05 10.43 -8.80
C ASP A 160 -6.72 9.99 -8.20
N CYS A 161 -6.12 8.92 -8.72
CA CYS A 161 -4.79 8.48 -8.34
C CYS A 161 -3.86 8.62 -9.54
N LEU A 162 -2.75 9.33 -9.35
CA LEU A 162 -1.82 9.64 -10.43
C LEU A 162 -0.48 9.01 -10.14
N GLY A 163 0.07 8.31 -11.13
CA GLY A 163 1.44 7.84 -11.03
C GLY A 163 2.40 8.96 -11.37
N LEU A 164 3.47 9.04 -10.58
CA LEU A 164 4.50 10.07 -10.76
C LEU A 164 5.87 9.45 -10.53
N PHE A 165 6.80 9.75 -11.44
CA PHE A 165 8.18 9.30 -11.34
C PHE A 165 9.04 10.49 -10.96
N ILE A 166 9.90 10.29 -9.98
CA ILE A 166 10.92 11.28 -9.61
C ILE A 166 12.28 10.66 -9.86
N ILE A 167 13.08 11.33 -10.67
CA ILE A 167 14.39 10.85 -11.06
C ILE A 167 15.43 11.64 -10.27
N PHE A 168 16.24 10.92 -9.50
CA PHE A 168 17.35 11.46 -8.73
C PHE A 168 18.62 11.25 -9.55
N GLY A 169 18.94 12.22 -10.40
CA GLY A 169 20.20 12.13 -11.11
C GLY A 169 20.00 11.78 -12.58
N MET A 170 20.84 12.37 -13.43
CA MET A 170 20.80 12.20 -14.87
C MET A 170 22.20 11.81 -15.33
N PRO A 171 22.31 11.17 -16.50
CA PRO A 171 23.65 10.91 -17.05
C PRO A 171 24.37 12.23 -17.29
N GLY A 172 25.53 12.38 -16.65
CA GLY A 172 26.29 13.60 -16.70
C GLY A 172 25.84 14.68 -15.73
N LYS A 173 24.68 14.51 -15.09
CA LYS A 173 24.17 15.48 -14.12
C LYS A 173 23.67 14.71 -12.89
N PRO A 174 24.59 14.23 -12.06
CA PRO A 174 24.19 13.38 -10.92
C PRO A 174 23.29 14.06 -9.91
N LYS A 175 23.34 15.39 -9.81
CA LYS A 175 22.54 16.13 -8.83
C LYS A 175 21.28 16.73 -9.42
N ASP A 176 20.96 16.40 -10.67
CA ASP A 176 19.73 16.89 -11.30
C ASP A 176 18.54 16.03 -10.86
N ILE A 177 17.47 16.67 -10.39
CA ILE A 177 16.26 15.98 -9.95
C ILE A 177 15.11 16.41 -10.84
N ARG A 178 14.39 15.43 -11.38
CA ARG A 178 13.42 15.69 -12.44
C ARG A 178 12.17 14.85 -12.20
N GLY A 179 11.04 15.25 -12.79
CA GLY A 179 9.79 14.56 -12.59
C GLY A 179 9.07 14.29 -13.89
N VAL A 180 8.30 13.20 -13.91
CA VAL A 180 7.49 12.83 -15.06
C VAL A 180 6.16 12.24 -14.59
N VAL A 181 5.07 12.66 -15.20
CA VAL A 181 3.77 12.05 -14.94
C VAL A 181 3.63 10.80 -15.80
N LEU A 182 2.99 9.76 -15.24
CA LEU A 182 2.87 8.48 -15.92
C LEU A 182 2.16 8.61 -17.26
N ASP A 183 1.10 9.41 -17.33
CA ASP A 183 0.31 9.49 -18.56
C ASP A 183 1.13 10.06 -19.70
N SER A 184 2.03 11.00 -19.41
CA SER A 184 2.90 11.55 -20.44
C SER A 184 3.79 10.46 -21.03
N VAL A 185 4.32 9.59 -20.17
CA VAL A 185 5.14 8.48 -20.64
C VAL A 185 4.30 7.53 -21.49
N LYS A 186 3.04 7.32 -21.12
CA LYS A 186 2.15 6.50 -21.94
C LYS A 186 1.98 7.10 -23.34
N SER A 187 1.75 8.41 -23.41
CA SER A 187 1.63 9.08 -24.70
C SER A 187 2.89 8.91 -25.53
N GLN A 188 4.06 8.99 -24.89
CA GLN A 188 5.31 8.81 -25.62
C GLN A 188 5.46 7.37 -26.13
N MET A 189 5.13 6.37 -25.31
CA MET A 189 5.32 5.00 -25.78
C MET A 189 4.32 4.61 -26.86
N VAL A 190 3.22 5.36 -27.00
CA VAL A 190 2.30 5.11 -28.11
C VAL A 190 3.04 5.14 -29.44
N ARG A 191 3.88 6.16 -29.64
CA ARG A 191 4.62 6.29 -30.88
C ARG A 191 6.00 5.66 -30.83
N SER A 192 6.53 5.41 -29.64
CA SER A 192 7.92 5.00 -29.51
C SER A 192 8.16 3.54 -29.15
N HIS A 193 7.14 2.81 -28.69
CA HIS A 193 7.16 1.34 -28.58
C HIS A 193 8.29 0.81 -27.70
N LEU A 194 8.55 1.45 -26.57
CA LEU A 194 9.54 0.90 -25.65
C LEU A 194 8.87 0.41 -24.36
N PRO A 195 9.55 -0.45 -23.60
CA PRO A 195 9.03 -0.79 -22.27
C PRO A 195 9.11 0.40 -21.32
N GLY A 196 8.10 0.49 -20.45
CA GLY A 196 7.90 1.63 -19.57
C GLY A 196 9.16 2.16 -18.90
N GLY A 197 9.93 1.26 -18.31
CA GLY A 197 11.11 1.69 -17.56
C GLY A 197 12.10 2.45 -18.41
N LYS A 198 12.43 1.91 -19.59
CA LYS A 198 13.31 2.62 -20.51
C LYS A 198 12.64 3.87 -21.08
N ALA A 199 11.33 3.81 -21.30
CA ALA A 199 10.62 4.94 -21.88
C ALA A 199 10.66 6.17 -20.97
N VAL A 200 10.63 5.97 -19.65
CA VAL A 200 10.76 7.11 -18.73
C VAL A 200 12.11 7.79 -18.91
N ALA A 201 13.19 7.00 -18.99
CA ALA A 201 14.52 7.57 -19.18
C ALA A 201 14.62 8.31 -20.51
N GLN A 202 14.10 7.71 -21.57
CA GLN A 202 14.15 8.39 -22.87
C GLN A 202 13.30 9.65 -22.87
N PHE A 203 12.21 9.66 -22.09
CA PHE A 203 11.40 10.86 -21.94
C PHE A 203 12.20 11.98 -21.28
N VAL A 204 12.83 11.69 -20.15
CA VAL A 204 13.62 12.73 -19.48
C VAL A 204 14.87 13.11 -20.26
N LEU A 205 15.29 12.28 -21.21
CA LEU A 205 16.44 12.62 -22.02
C LEU A 205 16.08 13.40 -23.29
N GLU A 206 14.89 13.19 -23.85
CA GLU A 206 14.50 13.83 -25.09
C GLU A 206 13.61 15.06 -24.89
N THR A 207 12.91 15.17 -23.76
CA THR A 207 11.96 16.25 -23.54
C THR A 207 12.69 17.46 -22.97
N GLU A 208 12.53 18.61 -23.64
CA GLU A 208 13.10 19.87 -23.16
C GLU A 208 12.05 20.80 -22.57
N ASP A 209 10.79 20.69 -23.00
CA ASP A 209 9.72 21.45 -22.37
C ASP A 209 9.50 20.94 -20.96
N CYS A 210 9.14 21.86 -20.05
CA CYS A 210 8.97 21.50 -18.65
C CYS A 210 7.79 22.26 -18.07
N VAL A 211 7.38 21.82 -16.89
CA VAL A 211 6.35 22.49 -16.11
C VAL A 211 6.76 22.39 -14.65
N PHE A 212 6.62 23.50 -13.92
CA PHE A 212 7.04 23.53 -12.53
C PHE A 212 6.03 22.82 -11.63
N ILE A 213 6.55 22.24 -10.55
CA ILE A 213 5.74 21.35 -9.70
C ILE A 213 4.53 22.08 -9.14
N LYS A 214 4.65 23.39 -8.92
CA LYS A 214 3.55 24.18 -8.36
C LYS A 214 2.35 24.21 -9.30
N GLU A 215 2.61 24.44 -10.59
CA GLU A 215 1.52 24.52 -11.56
C GLU A 215 0.82 23.18 -11.70
N LEU A 216 1.60 22.10 -11.73
CA LEU A 216 1.03 20.74 -11.75
C LEU A 216 0.14 20.53 -10.53
N LEU A 217 0.64 20.89 -9.34
CA LEU A 217 -0.14 20.70 -8.12
C LEU A 217 -1.45 21.46 -8.17
N ARG A 218 -1.42 22.69 -8.66
CA ARG A 218 -2.66 23.45 -8.80
C ARG A 218 -3.62 22.75 -9.76
N ASN A 219 -3.11 22.30 -10.91
CA ASN A 219 -3.98 21.76 -11.94
C ASN A 219 -4.63 20.44 -11.51
N CYS A 220 -4.00 19.68 -10.63
CA CYS A 220 -4.59 18.40 -10.22
C CYS A 220 -5.52 18.52 -9.01
N LEU A 221 -5.67 19.70 -8.42
CA LEU A 221 -6.43 19.84 -7.17
C LEU A 221 -7.67 20.71 -7.29
N SER A 222 -7.60 21.80 -8.06
CA SER A 222 -8.79 22.62 -8.27
C SER A 222 -9.91 21.81 -8.93
N LYS A 223 -9.54 20.90 -9.83
CA LYS A 223 -10.41 19.89 -10.42
C LYS A 223 -9.51 18.87 -11.07
N LYS A 224 -9.85 17.59 -10.97
CA LYS A 224 -8.91 16.55 -11.36
C LYS A 224 -8.74 16.55 -12.87
N ASP A 225 -7.81 17.40 -13.33
CA ASP A 225 -7.59 17.69 -14.74
C ASP A 225 -6.24 17.21 -15.25
N GLY A 226 -5.20 17.26 -14.40
CA GLY A 226 -3.85 16.98 -14.86
C GLY A 226 -3.65 15.59 -15.40
N LEU A 227 -4.56 14.64 -15.12
CA LEU A 227 -4.39 13.26 -15.54
C LEU A 227 -4.06 13.17 -17.03
N ARG A 228 -5.00 13.52 -17.90
CA ARG A 228 -4.73 13.66 -19.34
C ARG A 228 -4.61 15.12 -19.74
N GLU A 229 -3.73 15.84 -19.05
CA GLU A 229 -3.51 17.25 -19.37
C GLU A 229 -2.04 17.62 -19.52
N VAL A 230 -1.14 17.00 -18.73
CA VAL A 230 0.23 17.50 -18.64
C VAL A 230 0.89 17.54 -20.01
N GLY A 231 0.75 16.47 -20.77
CA GLY A 231 1.31 16.45 -22.11
C GLY A 231 2.82 16.23 -22.11
N LYS A 232 3.47 16.76 -23.14
CA LYS A 232 4.86 16.47 -23.44
C LYS A 232 5.81 17.40 -22.70
N VAL A 233 5.75 17.34 -21.36
CA VAL A 233 6.63 18.10 -20.50
C VAL A 233 7.16 17.20 -19.39
N TYR A 234 8.30 17.57 -18.85
CA TYR A 234 8.77 17.02 -17.59
C TYR A 234 8.43 17.99 -16.47
N ILE A 235 8.57 17.52 -15.23
CA ILE A 235 8.31 18.34 -14.06
C ILE A 235 9.65 18.87 -13.56
N SER A 236 9.83 20.18 -13.66
CA SER A 236 11.01 20.82 -13.09
C SER A 236 10.80 21.02 -11.60
N ILE A 237 11.78 20.60 -10.79
CA ILE A 237 11.65 20.68 -9.35
C ILE A 237 12.23 22.00 -8.84
N ASN B 28 11.16 -26.01 1.65
CA ASN B 28 11.11 -26.56 2.99
C ASN B 28 9.77 -26.25 3.64
N PHE B 29 8.70 -26.30 2.85
CA PHE B 29 7.34 -26.31 3.38
C PHE B 29 6.53 -27.35 2.63
N ASP B 30 5.59 -27.98 3.32
CA ASP B 30 4.73 -28.94 2.62
C ASP B 30 3.54 -28.25 1.98
N TYR B 31 2.96 -27.25 2.64
CA TYR B 31 1.84 -26.54 2.01
C TYR B 31 2.01 -25.04 2.21
N MET B 32 1.33 -24.27 1.36
CA MET B 32 1.24 -22.83 1.51
C MET B 32 -0.22 -22.41 1.42
N PHE B 33 -0.71 -21.77 2.48
CA PHE B 33 -2.09 -21.30 2.55
C PHE B 33 -2.12 -19.78 2.45
N LYS B 34 -2.90 -19.28 1.49
CA LYS B 34 -3.17 -17.85 1.38
C LYS B 34 -4.41 -17.51 2.20
N LEU B 35 -4.25 -16.63 3.18
CA LEU B 35 -5.33 -16.18 4.03
C LEU B 35 -5.48 -14.68 3.88
N LEU B 36 -6.71 -14.19 3.91
CA LEU B 36 -6.99 -12.76 3.83
C LEU B 36 -7.82 -12.32 5.03
N ILE B 37 -7.46 -11.16 5.59
CA ILE B 37 -8.21 -10.53 6.67
C ILE B 37 -8.95 -9.34 6.08
N ILE B 38 -10.29 -9.42 6.13
CA ILE B 38 -11.17 -8.43 5.53
C ILE B 38 -12.22 -8.02 6.55
N GLY B 39 -12.85 -6.88 6.26
CA GLY B 39 -13.83 -6.29 7.16
C GLY B 39 -13.71 -4.78 7.15
N ASN B 40 -14.64 -4.10 7.79
CA ASN B 40 -14.68 -2.64 7.74
C ASN B 40 -13.41 -2.03 8.33
N SER B 41 -13.19 -0.77 7.98
CA SER B 41 -12.10 -0.01 8.59
C SER B 41 -12.30 0.09 10.09
N SER B 42 -11.19 0.03 10.83
CA SER B 42 -11.07 0.23 12.28
C SER B 42 -11.48 -0.99 13.10
N VAL B 43 -11.86 -2.11 12.49
CA VAL B 43 -12.30 -3.25 13.29
C VAL B 43 -11.14 -3.95 13.98
N GLY B 44 -9.90 -3.75 13.52
CA GLY B 44 -8.75 -4.35 14.16
C GLY B 44 -7.98 -5.34 13.30
N LYS B 45 -8.12 -5.25 11.97
CA LYS B 45 -7.52 -6.25 11.08
C LYS B 45 -5.99 -6.21 11.17
N THR B 46 -5.41 -5.02 10.98
CA THR B 46 -3.95 -4.91 11.09
C THR B 46 -3.49 -5.29 12.48
N SER B 47 -4.21 -4.85 13.51
CA SER B 47 -3.85 -5.19 14.88
C SER B 47 -3.92 -6.70 15.09
N PHE B 48 -4.94 -7.34 14.52
CA PHE B 48 -5.06 -8.79 14.63
C PHE B 48 -3.85 -9.50 14.03
N LEU B 49 -3.47 -9.11 12.81
CA LEU B 49 -2.30 -9.73 12.19
C LEU B 49 -1.03 -9.44 12.98
N PHE B 50 -0.88 -8.20 13.44
CA PHE B 50 0.29 -7.80 14.20
C PHE B 50 0.42 -8.62 15.48
N ARG B 51 -0.69 -8.87 16.16
CA ARG B 51 -0.68 -9.70 17.36
C ARG B 51 -0.30 -11.14 17.04
N TYR B 52 -0.87 -11.70 15.98
CA TYR B 52 -0.57 -13.10 15.67
C TYR B 52 0.88 -13.28 15.22
N ALA B 53 1.39 -12.33 14.45
CA ALA B 53 2.68 -12.53 13.79
C ALA B 53 3.86 -12.00 14.59
N ASP B 54 3.66 -10.99 15.43
CA ASP B 54 4.75 -10.39 16.19
C ASP B 54 4.52 -10.42 17.70
N ASP B 55 3.39 -10.94 18.16
CA ASP B 55 3.08 -11.00 19.60
C ASP B 55 3.15 -9.61 20.24
N SER B 56 2.57 -8.61 19.58
CA SER B 56 2.64 -7.24 20.06
C SER B 56 1.37 -6.49 19.68
N PHE B 57 1.22 -5.31 20.28
CA PHE B 57 0.02 -4.50 20.08
C PHE B 57 0.37 -3.03 20.25
N THR B 58 -0.26 -2.18 19.43
CA THR B 58 -0.09 -0.74 19.51
C THR B 58 -1.45 -0.06 19.40
N SER B 59 -1.62 1.01 20.16
CA SER B 59 -2.87 1.75 20.16
C SER B 59 -2.93 2.81 19.06
N ALA B 60 -1.81 3.07 18.39
CA ALA B 60 -1.73 4.12 17.37
C ALA B 60 -2.39 3.63 16.10
N PHE B 61 -3.63 4.06 15.88
CA PHE B 61 -4.40 3.69 14.69
C PHE B 61 -3.79 4.35 13.46
N VAL B 62 -3.22 3.55 12.56
CA VAL B 62 -2.75 3.99 11.26
C VAL B 62 -3.43 3.16 10.19
N SER B 63 -4.24 3.81 9.37
CA SER B 63 -5.07 3.10 8.41
C SER B 63 -4.22 2.51 7.29
N THR B 64 -4.58 1.30 6.87
CA THR B 64 -3.83 0.59 5.84
C THR B 64 -4.18 1.11 4.46
N VAL B 65 -3.16 1.37 3.65
CA VAL B 65 -3.34 1.85 2.27
C VAL B 65 -3.23 0.64 1.37
N GLY B 66 -4.34 0.25 0.74
CA GLY B 66 -4.29 -0.82 -0.21
C GLY B 66 -4.34 -2.17 0.47
N ILE B 67 -3.18 -2.80 0.61
CA ILE B 67 -3.07 -4.14 1.16
C ILE B 67 -1.63 -4.34 1.58
N ASP B 68 -1.40 -5.33 2.45
CA ASP B 68 -0.03 -5.72 2.78
C ASP B 68 -0.07 -7.19 3.20
N PHE B 69 1.09 -7.78 3.46
CA PHE B 69 1.07 -9.16 3.92
C PHE B 69 2.28 -9.46 4.80
N LYS B 70 2.10 -10.48 5.65
CA LYS B 70 3.16 -11.08 6.44
C LYS B 70 3.09 -12.60 6.24
N VAL B 71 4.16 -13.28 6.65
CA VAL B 71 4.25 -14.73 6.48
C VAL B 71 4.60 -15.37 7.81
N LYS B 72 4.12 -16.60 8.01
CA LYS B 72 4.37 -17.29 9.28
C LYS B 72 4.26 -18.79 9.06
N THR B 73 5.21 -19.53 9.64
CA THR B 73 5.25 -20.98 9.49
C THR B 73 4.64 -21.66 10.71
N VAL B 74 3.78 -22.65 10.46
CA VAL B 74 3.17 -23.46 11.50
C VAL B 74 3.31 -24.94 11.12
N PHE B 75 3.02 -25.80 12.10
CA PHE B 75 3.15 -27.25 11.95
C PHE B 75 1.85 -27.93 12.34
N LYS B 76 1.37 -28.82 11.48
CA LYS B 76 0.18 -29.62 11.75
C LYS B 76 0.38 -31.03 11.21
N ASN B 77 0.33 -32.02 12.10
CA ASN B 77 0.51 -33.43 11.74
C ASN B 77 1.82 -33.64 11.01
N GLU B 78 2.89 -33.05 11.56
CA GLU B 78 4.25 -33.14 11.03
C GLU B 78 4.40 -32.27 9.78
N LYS B 79 3.30 -31.72 9.29
CA LYS B 79 3.35 -30.94 8.06
C LYS B 79 3.76 -29.51 8.36
N ARG B 80 4.62 -28.96 7.51
CA ARG B 80 5.07 -27.58 7.59
C ARG B 80 4.23 -26.75 6.63
N ILE B 81 3.53 -25.76 7.16
CA ILE B 81 2.59 -24.94 6.42
C ILE B 81 3.06 -23.50 6.50
N LYS B 82 3.31 -22.89 5.35
CA LYS B 82 3.58 -21.48 5.26
C LYS B 82 2.25 -20.74 5.09
N LEU B 83 1.96 -19.82 6.00
CA LEU B 83 0.78 -18.98 5.89
C LEU B 83 1.21 -17.65 5.31
N GLN B 84 0.60 -17.27 4.19
CA GLN B 84 0.74 -15.94 3.62
C GLN B 84 -0.52 -15.17 3.98
N ILE B 85 -0.42 -14.34 5.00
CA ILE B 85 -1.58 -13.65 5.57
C ILE B 85 -1.59 -12.23 5.05
N TRP B 86 -2.63 -11.91 4.28
CA TRP B 86 -2.83 -10.61 3.66
C TRP B 86 -3.77 -9.78 4.52
N ASP B 87 -3.39 -8.54 4.80
CA ASP B 87 -4.14 -7.58 5.58
C ASP B 87 -4.73 -6.59 4.60
N THR B 88 -6.06 -6.57 4.45
CA THR B 88 -6.67 -5.70 3.46
C THR B 88 -7.12 -4.38 4.07
N ALA B 89 -7.27 -3.37 3.21
CA ALA B 89 -7.80 -2.09 3.63
C ALA B 89 -9.31 -2.13 3.66
N GLY B 90 -9.91 -1.62 4.74
CA GLY B 90 -11.36 -1.64 4.86
C GLY B 90 -12.07 -0.50 4.15
N GLN B 91 -11.38 0.60 3.91
CA GLN B 91 -12.02 1.75 3.27
C GLN B 91 -12.51 1.38 1.87
N GLU B 92 -13.68 1.92 1.51
CA GLU B 92 -14.30 1.55 0.24
C GLU B 92 -13.43 1.95 -0.95
N ARG B 93 -12.63 3.02 -0.81
CA ARG B 93 -11.74 3.46 -1.87
C ARG B 93 -10.79 2.35 -2.33
N TYR B 94 -10.45 1.43 -1.43
CA TYR B 94 -9.54 0.34 -1.76
C TYR B 94 -10.27 -0.98 -2.02
N ARG B 95 -11.58 -0.93 -2.28
CA ARG B 95 -12.31 -2.16 -2.55
C ARG B 95 -11.73 -2.88 -3.76
N THR B 96 -11.62 -2.18 -4.90
CA THR B 96 -11.20 -2.80 -6.14
C THR B 96 -9.83 -3.46 -6.01
N ILE B 97 -8.88 -2.76 -5.38
CA ILE B 97 -7.56 -3.35 -5.23
C ILE B 97 -7.61 -4.57 -4.30
N THR B 98 -8.34 -4.46 -3.19
CA THR B 98 -8.32 -5.57 -2.24
C THR B 98 -8.96 -6.81 -2.86
N THR B 99 -10.10 -6.64 -3.52
CA THR B 99 -10.74 -7.77 -4.17
C THR B 99 -9.88 -8.34 -5.28
N ALA B 100 -8.99 -7.54 -5.86
CA ALA B 100 -8.09 -8.08 -6.86
C ALA B 100 -7.08 -9.05 -6.27
N TYR B 101 -6.87 -9.01 -4.95
CA TYR B 101 -5.94 -9.91 -4.29
C TYR B 101 -6.63 -11.09 -3.62
N TYR B 102 -7.95 -11.25 -3.80
CA TYR B 102 -8.65 -12.41 -3.29
C TYR B 102 -8.29 -13.68 -4.05
N ARG B 103 -7.82 -13.55 -5.29
CA ARG B 103 -7.57 -14.70 -6.13
C ARG B 103 -6.55 -15.63 -5.50
N GLY B 104 -6.86 -16.93 -5.48
CA GLY B 104 -6.01 -17.92 -4.85
C GLY B 104 -6.19 -18.04 -3.35
N ALA B 105 -7.10 -17.29 -2.74
CA ALA B 105 -7.29 -17.36 -1.30
C ALA B 105 -7.77 -18.74 -0.89
N MET B 106 -7.14 -19.29 0.14
CA MET B 106 -7.64 -20.51 0.77
C MET B 106 -8.41 -20.24 2.05
N GLY B 107 -8.22 -19.08 2.66
CA GLY B 107 -8.90 -18.78 3.91
C GLY B 107 -9.21 -17.31 4.05
N PHE B 108 -10.29 -17.03 4.78
CA PHE B 108 -10.72 -15.67 5.07
C PHE B 108 -11.01 -15.55 6.55
N ILE B 109 -10.62 -14.40 7.11
CA ILE B 109 -11.07 -13.95 8.42
C ILE B 109 -11.92 -12.72 8.16
N LEU B 110 -13.22 -12.85 8.41
CA LEU B 110 -14.18 -11.75 8.26
C LEU B 110 -14.37 -11.12 9.62
N MET B 111 -13.88 -9.89 9.77
CA MET B 111 -13.80 -9.24 11.07
C MET B 111 -14.83 -8.12 11.16
N TYR B 112 -15.56 -8.08 12.27
CA TYR B 112 -16.30 -6.91 12.69
C TYR B 112 -15.81 -6.50 14.08
N ASP B 113 -16.33 -5.37 14.54
CA ASP B 113 -15.98 -4.79 15.83
C ASP B 113 -17.23 -4.84 16.71
N ILE B 114 -17.13 -5.56 17.83
CA ILE B 114 -18.30 -5.77 18.68
C ILE B 114 -18.83 -4.48 19.27
N THR B 115 -18.08 -3.38 19.19
CA THR B 115 -18.52 -2.08 19.64
C THR B 115 -19.04 -1.21 18.50
N ASN B 116 -19.15 -1.75 17.29
CA ASN B 116 -19.52 -0.97 16.10
C ASN B 116 -20.61 -1.70 15.34
N GLU B 117 -21.83 -1.17 15.42
CA GLU B 117 -22.98 -1.76 14.74
C GLU B 117 -22.80 -1.78 13.22
N GLU B 118 -22.26 -0.71 12.66
CA GLU B 118 -22.06 -0.62 11.21
C GLU B 118 -21.20 -1.77 10.71
N SER B 119 -20.10 -2.05 11.42
CA SER B 119 -19.18 -3.11 10.99
C SER B 119 -19.84 -4.48 11.02
N PHE B 120 -20.75 -4.70 11.96
CA PHE B 120 -21.48 -5.97 12.01
C PHE B 120 -22.54 -6.05 10.93
N ASN B 121 -23.22 -4.93 10.64
CA ASN B 121 -24.21 -4.92 9.57
C ASN B 121 -23.56 -5.21 8.22
N ALA B 122 -22.30 -4.81 8.04
CA ALA B 122 -21.62 -5.00 6.76
C ALA B 122 -21.17 -6.44 6.50
N VAL B 123 -21.35 -7.33 7.47
CA VAL B 123 -20.77 -8.68 7.37
C VAL B 123 -21.38 -9.43 6.20
N GLN B 124 -22.69 -9.25 5.96
CA GLN B 124 -23.34 -9.95 4.85
C GLN B 124 -22.73 -9.55 3.52
N ASP B 125 -22.52 -8.24 3.32
CA ASP B 125 -21.86 -7.76 2.11
C ASP B 125 -20.47 -8.36 1.97
N TRP B 126 -19.70 -8.38 3.06
CA TRP B 126 -18.36 -8.96 2.98
C TRP B 126 -18.43 -10.42 2.56
N SER B 127 -19.42 -11.16 3.08
CA SER B 127 -19.57 -12.57 2.73
C SER B 127 -19.88 -12.74 1.24
N THR B 128 -20.78 -11.93 0.71
CA THR B 128 -21.05 -12.04 -0.72
C THR B 128 -19.83 -11.66 -1.54
N GLN B 129 -19.01 -10.71 -1.06
CA GLN B 129 -17.77 -10.40 -1.79
C GLN B 129 -16.82 -11.58 -1.80
N ILE B 130 -16.70 -12.28 -0.67
CA ILE B 130 -15.89 -13.50 -0.64
C ILE B 130 -16.40 -14.50 -1.68
N LYS B 131 -17.72 -14.71 -1.71
CA LYS B 131 -18.28 -15.65 -2.67
C LYS B 131 -18.10 -15.19 -4.11
N THR B 132 -18.06 -13.88 -4.35
CA THR B 132 -17.98 -13.34 -5.69
C THR B 132 -16.56 -13.41 -6.25
N TYR B 133 -15.58 -12.88 -5.52
CA TYR B 133 -14.22 -12.79 -6.01
C TYR B 133 -13.36 -13.99 -5.65
N SER B 134 -13.91 -14.95 -4.92
CA SER B 134 -13.23 -16.18 -4.53
C SER B 134 -14.19 -17.35 -4.69
N TRP B 135 -14.77 -17.46 -5.90
CA TRP B 135 -15.83 -18.44 -6.17
C TRP B 135 -15.53 -19.83 -5.62
N ASP B 136 -14.31 -20.32 -5.84
CA ASP B 136 -13.93 -21.63 -5.31
C ASP B 136 -13.95 -21.60 -3.78
N ASN B 137 -14.32 -22.72 -3.20
CA ASN B 137 -14.69 -22.76 -1.78
C ASN B 137 -13.47 -22.46 -0.91
N ALA B 138 -13.44 -21.26 -0.34
CA ALA B 138 -12.48 -20.89 0.68
C ALA B 138 -13.15 -20.90 2.05
N GLN B 139 -12.44 -21.41 3.05
CA GLN B 139 -12.96 -21.47 4.41
C GLN B 139 -12.97 -20.08 5.03
N VAL B 140 -14.00 -19.80 5.82
CA VAL B 140 -14.20 -18.48 6.42
C VAL B 140 -14.40 -18.62 7.92
N ILE B 141 -13.76 -17.74 8.68
CA ILE B 141 -14.02 -17.59 10.11
C ILE B 141 -14.58 -16.19 10.35
N LEU B 142 -15.70 -16.12 11.05
CA LEU B 142 -16.29 -14.86 11.48
C LEU B 142 -15.71 -14.50 12.84
N VAL B 143 -15.25 -13.26 12.97
CA VAL B 143 -14.52 -12.81 14.14
C VAL B 143 -15.10 -11.48 14.58
N GLY B 144 -15.59 -11.43 15.82
CA GLY B 144 -15.97 -10.19 16.44
C GLY B 144 -14.87 -9.74 17.37
N ASN B 145 -14.15 -8.70 16.99
CA ASN B 145 -12.97 -8.24 17.69
C ASN B 145 -13.33 -7.21 18.76
N LYS B 146 -12.32 -6.87 19.58
CA LYS B 146 -12.42 -5.87 20.64
C LYS B 146 -13.31 -6.33 21.78
N CYS B 147 -13.32 -7.64 22.05
CA CYS B 147 -14.16 -8.16 23.13
C CYS B 147 -13.66 -7.76 24.50
N ASP B 148 -12.47 -7.17 24.59
CA ASP B 148 -12.03 -6.56 25.84
C ASP B 148 -12.89 -5.36 26.21
N MET B 149 -13.52 -4.72 25.22
CA MET B 149 -14.31 -3.50 25.44
C MET B 149 -15.75 -3.86 25.84
N GLU B 150 -15.88 -4.53 26.99
CA GLU B 150 -17.19 -5.02 27.41
C GLU B 150 -18.17 -3.88 27.65
N ASP B 151 -17.70 -2.76 28.19
CA ASP B 151 -18.61 -1.64 28.48
C ASP B 151 -19.16 -0.99 27.22
N GLU B 152 -18.49 -1.12 26.08
CA GLU B 152 -18.93 -0.49 24.85
C GLU B 152 -19.55 -1.48 23.86
N ARG B 153 -19.92 -2.67 24.33
CA ARG B 153 -20.48 -3.69 23.46
C ARG B 153 -21.86 -3.29 22.95
N VAL B 154 -22.07 -3.43 21.65
CA VAL B 154 -23.39 -3.29 21.05
C VAL B 154 -23.85 -4.55 20.34
N ILE B 155 -22.94 -5.47 19.99
CA ILE B 155 -23.29 -6.75 19.38
C ILE B 155 -23.07 -7.81 20.43
N SER B 156 -24.11 -8.58 20.73
CA SER B 156 -23.96 -9.65 21.70
C SER B 156 -23.26 -10.85 21.07
N THR B 157 -22.71 -11.69 21.95
CA THR B 157 -22.03 -12.90 21.50
C THR B 157 -22.97 -13.81 20.73
N GLU B 158 -24.19 -14.01 21.24
CA GLU B 158 -25.11 -14.92 20.59
C GLU B 158 -25.59 -14.38 19.25
N ARG B 159 -25.71 -13.07 19.11
CA ARG B 159 -25.99 -12.47 17.80
C ARG B 159 -24.89 -12.82 16.80
N GLY B 160 -23.63 -12.73 17.24
CA GLY B 160 -22.51 -13.06 16.36
C GLY B 160 -22.49 -14.53 15.96
N GLN B 161 -22.72 -15.42 16.93
CA GLN B 161 -22.69 -16.84 16.57
C GLN B 161 -23.91 -17.24 15.75
N HIS B 162 -25.05 -16.56 15.95
CA HIS B 162 -26.20 -16.83 15.09
C HIS B 162 -25.93 -16.38 13.66
N LEU B 163 -25.28 -15.23 13.49
CA LEU B 163 -24.90 -14.82 12.14
C LEU B 163 -23.91 -15.79 11.53
N GLY B 164 -22.97 -16.30 12.34
CA GLY B 164 -22.04 -17.29 11.82
C GLY B 164 -22.74 -18.56 11.38
N GLU B 165 -23.69 -19.05 12.20
CA GLU B 165 -24.46 -20.22 11.82
C GLU B 165 -25.24 -19.96 10.54
N GLN B 166 -25.84 -18.77 10.41
CA GLN B 166 -26.58 -18.42 9.21
C GLN B 166 -25.69 -18.49 7.98
N LEU B 167 -24.48 -17.96 8.07
CA LEU B 167 -23.57 -17.96 6.92
C LEU B 167 -22.76 -19.24 6.79
N GLY B 168 -22.86 -20.16 7.75
CA GLY B 168 -22.07 -21.38 7.68
C GLY B 168 -20.62 -21.18 8.05
N PHE B 169 -20.32 -20.21 8.91
CA PHE B 169 -18.96 -19.89 9.33
C PHE B 169 -18.76 -20.24 10.79
N GLU B 170 -17.54 -20.70 11.11
CA GLU B 170 -17.13 -20.77 12.49
C GLU B 170 -17.04 -19.35 13.06
N PHE B 171 -17.14 -19.24 14.38
CA PHE B 171 -17.26 -17.94 15.02
C PHE B 171 -16.33 -17.85 16.23
N PHE B 172 -15.64 -16.72 16.33
CA PHE B 172 -14.83 -16.40 17.51
C PHE B 172 -15.05 -14.95 17.91
N GLU B 173 -14.99 -14.69 19.21
CA GLU B 173 -14.83 -13.34 19.73
C GLU B 173 -13.40 -13.20 20.20
N THR B 174 -12.78 -12.07 19.86
CA THR B 174 -11.34 -11.93 20.00
C THR B 174 -11.01 -10.56 20.55
N SER B 175 -9.79 -10.44 21.07
CA SER B 175 -9.17 -9.15 21.37
C SER B 175 -7.73 -9.20 20.90
N ALA B 176 -7.38 -8.39 19.91
CA ALA B 176 -5.98 -8.24 19.56
C ALA B 176 -5.21 -7.53 20.68
N LYS B 177 -5.88 -6.63 21.40
CA LYS B 177 -5.21 -5.90 22.48
C LYS B 177 -4.83 -6.84 23.64
N ASP B 178 -5.75 -7.70 24.05
CA ASP B 178 -5.49 -8.62 25.16
C ASP B 178 -5.06 -10.00 24.69
N ASN B 179 -4.86 -10.18 23.40
CA ASN B 179 -4.45 -11.47 22.84
C ASN B 179 -5.40 -12.60 23.26
N ILE B 180 -6.66 -12.44 22.86
CA ILE B 180 -7.70 -13.42 23.18
C ILE B 180 -8.19 -14.01 21.87
N ASN B 181 -8.05 -15.34 21.74
CA ASN B 181 -8.57 -16.11 20.62
C ASN B 181 -7.99 -15.68 19.27
N VAL B 182 -6.76 -15.15 19.27
CA VAL B 182 -6.10 -14.85 18.00
C VAL B 182 -5.47 -16.13 17.42
N LYS B 183 -4.56 -16.73 18.18
CA LYS B 183 -4.00 -18.03 17.81
C LYS B 183 -5.10 -19.04 17.53
N GLN B 184 -6.15 -19.03 18.35
CA GLN B 184 -7.24 -19.97 18.15
C GLN B 184 -7.91 -19.77 16.80
N THR B 185 -8.17 -18.51 16.42
CA THR B 185 -8.77 -18.24 15.12
C THR B 185 -7.89 -18.78 14.00
N PHE B 186 -6.61 -18.43 14.00
CA PHE B 186 -5.76 -18.85 12.89
C PHE B 186 -5.61 -20.37 12.84
N GLU B 187 -5.50 -21.02 14.01
CA GLU B 187 -5.30 -22.46 14.03
C GLU B 187 -6.57 -23.21 13.62
N ARG B 188 -7.75 -22.68 13.98
CA ARG B 188 -8.99 -23.26 13.50
C ARG B 188 -9.10 -23.12 11.98
N LEU B 189 -8.67 -21.98 11.45
CA LEU B 189 -8.68 -21.80 10.00
C LEU B 189 -7.81 -22.84 9.33
N VAL B 190 -6.60 -23.05 9.88
CA VAL B 190 -5.71 -24.07 9.33
C VAL B 190 -6.34 -25.45 9.42
N ASP B 191 -6.98 -25.73 10.56
CA ASP B 191 -7.64 -27.03 10.76
C ASP B 191 -8.68 -27.28 9.69
N ILE B 192 -9.61 -26.34 9.48
CA ILE B 192 -10.69 -26.60 8.55
C ILE B 192 -10.22 -26.52 7.10
N ILE B 193 -9.13 -25.81 6.82
CA ILE B 193 -8.54 -25.90 5.48
C ILE B 193 -7.93 -27.28 5.26
N CYS B 194 -7.32 -27.85 6.31
CA CYS B 194 -6.74 -29.18 6.18
C CYS B 194 -7.79 -30.28 6.15
N ASP B 195 -8.96 -30.05 6.76
CA ASP B 195 -10.03 -31.05 6.73
C ASP B 195 -10.61 -31.16 5.32
N LYS B 196 -10.93 -30.03 4.70
CA LYS B 196 -11.05 -30.02 3.26
C LYS B 196 -9.69 -30.37 2.65
N MET B 197 -9.71 -30.74 1.37
CA MET B 197 -8.54 -31.16 0.58
C MET B 197 -8.05 -32.52 1.04
N SER B 198 -8.61 -33.02 2.15
CA SER B 198 -8.38 -34.39 2.61
C SER B 198 -9.61 -35.19 2.20
N GLU B 199 -9.57 -35.74 0.98
CA GLU B 199 -10.72 -36.45 0.42
C GLU B 199 -10.32 -37.86 -0.03
#